data_1M6E
#
_entry.id   1M6E
#
_cell.length_a   141.740
_cell.length_b   141.740
_cell.length_c   63.983
_cell.angle_alpha   90.00
_cell.angle_beta   90.00
_cell.angle_gamma   90.00
#
_symmetry.space_group_name_H-M   'P 43 21 2'
#
loop_
_entity.id
_entity.type
_entity.pdbx_description
1 polymer 'S-adenosyl-L-methionine:salicylic acid carboxyl methyltransferase'
2 non-polymer 'LUTETIUM (III) ION'
3 non-polymer S-ADENOSYL-L-HOMOCYSTEINE
4 non-polymer '2-HYDROXYBENZOIC ACID'
5 water water
#
_entity_poly.entity_id   1
_entity_poly.type   'polypeptide(L)'
_entity_poly.pdbx_seq_one_letter_code
;MDVRQVLHMKGGAGENSYAMNSFIQRQVISITKPITEAAITALYSGDTVTTRLAIADLGCSSGPNALFAVTELIKTVEEL
RKKMGRENSPEYQIFLNDLPGNDFNAIFRSLPIENDVDGVCFINGVPGSFYGRLFPRNTLHFIHSSYSLMWLSQVPIGIE
SNKGNIYMANTCPQSVLNAYYKQFQEDHALFLRCRAQEVVPGGRMVLTILGRRSEDRASTECCLIWQLLAMALNQMVSEG
LIEEEKMDKFNIPQYTPSPTEVEAEILKEGSFLIDHIEASEIYWSSCTKDGDGGGSVEEEGYNVARCMRAVAEPLLLDHF
GEAIIEDVFHRYKLLIIERMSKEKTKFINVIVSLIRKSD
;
_entity_poly.pdbx_strand_id   X
#
loop_
_chem_comp.id
_chem_comp.type
_chem_comp.name
_chem_comp.formula
LU non-polymer 'LUTETIUM (III) ION' 'Lu 3'
SAL non-polymer '2-HYDROXYBENZOIC ACID' 'C7 H6 O3'
#
# COMPACT_ATOMS: atom_id res chain seq x y z
N MET A 1 7.83 9.49 -19.38
CA MET A 1 6.49 9.16 -19.91
C MET A 1 5.72 8.25 -18.95
N ASP A 2 4.57 8.74 -18.46
CA ASP A 2 3.68 8.03 -17.52
C ASP A 2 3.79 8.60 -16.10
N VAL A 3 3.00 9.64 -15.82
CA VAL A 3 3.02 10.32 -14.52
C VAL A 3 2.17 9.57 -13.47
N ARG A 4 2.82 8.69 -12.70
CA ARG A 4 2.10 7.89 -11.71
C ARG A 4 1.08 8.68 -10.95
N GLN A 5 1.45 9.90 -10.62
CA GLN A 5 0.64 10.80 -9.84
C GLN A 5 -0.75 11.08 -10.39
N VAL A 6 -0.80 11.36 -11.68
CA VAL A 6 -2.03 11.65 -12.41
C VAL A 6 -2.67 10.34 -12.88
N LEU A 7 -1.83 9.33 -13.13
CA LEU A 7 -2.29 8.04 -13.64
C LEU A 7 -2.87 6.99 -12.69
N HIS A 8 -2.16 6.61 -11.63
CA HIS A 8 -2.77 5.57 -10.83
C HIS A 8 -3.49 5.88 -9.54
N MET A 9 -4.49 5.02 -9.35
CA MET A 9 -5.39 5.00 -8.22
C MET A 9 -5.95 3.58 -8.32
N LYS A 10 -6.85 3.21 -7.41
CA LYS A 10 -7.45 1.88 -7.40
C LYS A 10 -8.83 2.06 -7.94
N GLY A 11 -9.47 1.00 -8.42
CA GLY A 11 -10.82 1.10 -8.98
C GLY A 11 -11.74 1.77 -7.97
N GLY A 12 -12.54 2.73 -8.41
CA GLY A 12 -13.47 3.48 -7.56
C GLY A 12 -14.67 2.80 -6.91
N ALA A 13 -14.66 2.80 -5.58
CA ALA A 13 -15.65 2.18 -4.69
C ALA A 13 -17.11 2.15 -5.12
N GLY A 14 -17.84 1.27 -4.42
CA GLY A 14 -19.24 1.04 -4.65
C GLY A 14 -19.37 -0.34 -5.26
N GLU A 15 -19.06 -0.41 -6.54
CA GLU A 15 -19.10 -1.63 -7.36
C GLU A 15 -18.01 -2.64 -7.01
N ASN A 16 -17.99 -3.71 -7.80
CA ASN A 16 -17.00 -4.78 -7.71
C ASN A 16 -15.66 -4.30 -8.23
N SER A 17 -14.90 -3.76 -7.28
CA SER A 17 -13.56 -3.22 -7.43
C SER A 17 -13.33 -2.28 -6.29
N TYR A 18 -12.17 -2.52 -5.68
CA TYR A 18 -11.51 -1.88 -4.51
C TYR A 18 -12.41 -1.25 -3.49
N ALA A 19 -12.93 -2.12 -2.64
CA ALA A 19 -13.90 -1.74 -1.61
C ALA A 19 -14.46 -3.12 -1.53
N MET A 20 -14.84 -3.62 -2.70
CA MET A 20 -15.34 -4.96 -2.78
C MET A 20 -14.23 -5.98 -3.07
N ASN A 21 -12.97 -5.52 -3.14
CA ASN A 21 -11.85 -6.42 -3.44
C ASN A 21 -10.54 -6.14 -2.69
N SER A 22 -10.64 -5.70 -1.44
CA SER A 22 -9.43 -5.42 -0.70
C SER A 22 -9.41 -6.05 0.67
N PHE A 23 -9.83 -7.31 0.77
CA PHE A 23 -9.88 -8.00 2.06
C PHE A 23 -8.54 -8.42 2.54
N ILE A 24 -7.59 -8.59 1.62
CA ILE A 24 -6.25 -9.00 2.01
C ILE A 24 -5.53 -7.87 2.63
N GLN A 25 -5.65 -6.69 2.08
CA GLN A 25 -4.95 -5.55 2.68
C GLN A 25 -5.64 -5.25 4.01
N ARG A 26 -6.89 -5.72 4.12
CA ARG A 26 -7.65 -5.50 5.34
C ARG A 26 -7.18 -6.37 6.48
N GLN A 27 -6.71 -7.58 6.16
CA GLN A 27 -6.24 -8.54 7.15
C GLN A 27 -4.86 -8.17 7.64
N VAL A 28 -4.08 -7.58 6.73
CA VAL A 28 -2.75 -7.13 7.05
C VAL A 28 -2.88 -6.00 8.06
N ILE A 29 -3.88 -5.15 7.91
CA ILE A 29 -4.05 -4.05 8.84
C ILE A 29 -4.48 -4.58 10.19
N SER A 30 -5.18 -5.73 10.13
CA SER A 30 -5.73 -6.43 11.28
C SER A 30 -4.60 -6.99 12.11
N ILE A 31 -3.80 -7.80 11.44
CA ILE A 31 -2.64 -8.44 12.04
C ILE A 31 -1.58 -7.43 12.56
N THR A 32 -1.59 -6.24 11.99
CA THR A 32 -0.64 -5.20 12.36
C THR A 32 -1.14 -4.31 13.49
N LYS A 33 -2.24 -4.71 14.11
CA LYS A 33 -2.86 -3.97 15.21
C LYS A 33 -1.93 -3.86 16.42
N PRO A 34 -1.35 -5.00 16.88
CA PRO A 34 -0.44 -4.99 18.03
C PRO A 34 0.69 -3.97 17.96
N ILE A 35 1.36 -3.93 16.82
CA ILE A 35 2.50 -3.02 16.60
C ILE A 35 2.04 -1.57 16.74
N THR A 36 0.79 -1.33 16.32
CA THR A 36 0.17 0.00 16.40
C THR A 36 -0.37 0.31 17.80
N GLU A 37 -0.68 -0.72 18.56
CA GLU A 37 -1.16 -0.55 19.92
C GLU A 37 -0.01 -0.02 20.79
N ALA A 38 1.14 -0.67 20.62
CA ALA A 38 2.34 -0.27 21.33
C ALA A 38 2.58 1.17 20.96
N ALA A 39 2.56 1.40 19.64
CA ALA A 39 2.78 2.71 19.07
C ALA A 39 1.93 3.82 19.70
N ILE A 40 0.61 3.68 19.79
CA ILE A 40 -0.17 4.77 20.34
C ILE A 40 -0.23 4.77 21.81
N THR A 41 0.06 3.63 22.42
CA THR A 41 0.08 3.61 23.88
C THR A 41 1.30 4.45 24.28
N ALA A 42 2.43 4.05 23.73
CA ALA A 42 3.69 4.73 23.95
C ALA A 42 3.51 6.25 23.75
N LEU A 43 2.89 6.65 22.65
CA LEU A 43 2.67 8.06 22.33
C LEU A 43 1.64 8.78 23.21
N TYR A 44 0.60 8.07 23.63
CA TYR A 44 -0.40 8.65 24.50
C TYR A 44 0.17 8.77 25.92
N SER A 45 0.87 7.72 26.36
CA SER A 45 1.52 7.67 27.68
C SER A 45 2.29 8.97 27.99
N GLY A 46 1.71 9.83 28.81
CA GLY A 46 2.38 11.06 29.15
C GLY A 46 2.22 12.05 28.02
N ASP A 47 1.89 13.27 28.41
CA ASP A 47 1.63 14.34 27.46
C ASP A 47 2.68 14.84 26.45
N THR A 48 2.16 14.96 25.24
CA THR A 48 2.76 15.45 24.01
C THR A 48 1.43 15.51 23.28
N VAL A 49 0.63 14.48 23.51
CA VAL A 49 -0.69 14.45 22.95
C VAL A 49 -1.60 14.92 24.07
N THR A 50 -1.86 16.22 24.03
CA THR A 50 -2.69 16.86 25.01
C THR A 50 -4.13 16.94 24.52
N THR A 51 -4.56 18.15 24.21
CA THR A 51 -5.92 18.36 23.77
C THR A 51 -6.20 17.99 22.31
N ARG A 52 -5.14 17.74 21.53
CA ARG A 52 -5.29 17.38 20.11
C ARG A 52 -4.41 16.25 19.65
N LEU A 53 -5.03 15.21 19.12
CA LEU A 53 -4.27 14.11 18.60
C LEU A 53 -4.53 14.25 17.10
N ALA A 54 -3.52 14.04 16.28
CA ALA A 54 -3.69 14.19 14.84
C ALA A 54 -3.13 13.02 14.02
N ILE A 55 -3.96 12.00 13.86
CA ILE A 55 -3.60 10.82 13.10
C ILE A 55 -3.79 11.12 11.63
N ALA A 56 -2.97 10.49 10.77
CA ALA A 56 -3.05 10.71 9.33
C ALA A 56 -2.73 9.47 8.52
N ASP A 57 -3.69 8.95 7.76
CA ASP A 57 -3.43 7.75 6.94
C ASP A 57 -2.83 8.17 5.58
N LEU A 58 -1.69 7.59 5.23
CA LEU A 58 -1.03 7.93 3.99
C LEU A 58 -1.21 6.82 2.98
N GLY A 59 -1.84 7.15 1.86
CA GLY A 59 -2.09 6.17 0.82
C GLY A 59 -3.30 5.35 1.22
N CYS A 60 -4.31 6.03 1.76
CA CYS A 60 -5.57 5.38 2.16
C CYS A 60 -6.21 5.13 0.83
N SER A 61 -7.48 4.77 0.78
CA SER A 61 -8.01 4.59 -0.54
C SER A 61 -9.46 4.97 -0.66
N SER A 62 -10.30 3.99 -0.92
CA SER A 62 -11.72 4.24 -1.02
C SER A 62 -12.30 3.11 -0.19
N GLY A 63 -13.57 3.22 0.15
CA GLY A 63 -14.20 2.16 0.90
C GLY A 63 -13.56 1.94 2.25
N PRO A 64 -13.81 0.79 2.86
CA PRO A 64 -13.22 0.53 4.19
C PRO A 64 -11.71 0.63 4.07
N ASN A 65 -11.01 0.44 5.19
CA ASN A 65 -9.55 0.53 5.25
C ASN A 65 -9.10 1.98 5.33
N ALA A 66 -9.69 2.83 4.52
CA ALA A 66 -9.34 4.23 4.56
C ALA A 66 -9.42 4.65 6.03
N LEU A 67 -10.58 4.41 6.63
CA LEU A 67 -10.81 4.74 8.04
C LEU A 67 -10.59 3.58 9.00
N PHE A 68 -10.49 2.36 8.48
CA PHE A 68 -10.30 1.19 9.31
C PHE A 68 -9.22 1.33 10.37
N ALA A 69 -8.01 1.73 9.99
CA ALA A 69 -6.99 1.83 11.02
C ALA A 69 -7.06 3.09 11.87
N VAL A 70 -7.43 4.20 11.25
CA VAL A 70 -7.52 5.45 11.97
C VAL A 70 -8.72 5.38 12.89
N THR A 71 -9.36 4.22 12.91
CA THR A 71 -10.55 4.00 13.70
C THR A 71 -10.31 2.96 14.75
N GLU A 72 -9.08 2.52 14.88
CA GLU A 72 -8.76 1.50 15.83
C GLU A 72 -7.60 2.08 16.60
N LEU A 73 -7.46 3.40 16.48
CA LEU A 73 -6.41 4.15 17.16
C LEU A 73 -7.18 5.07 18.05
N ILE A 74 -8.18 5.71 17.47
CA ILE A 74 -9.03 6.61 18.24
C ILE A 74 -9.74 5.70 19.22
N LYS A 75 -9.89 4.45 18.84
CA LYS A 75 -10.51 3.48 19.73
C LYS A 75 -9.57 3.39 20.93
N THR A 76 -8.49 2.64 20.73
CA THR A 76 -7.45 2.42 21.73
C THR A 76 -7.18 3.60 22.63
N VAL A 77 -6.99 4.79 22.04
CA VAL A 77 -6.70 6.00 22.80
C VAL A 77 -7.84 6.27 23.77
N GLU A 78 -9.07 6.19 23.28
CA GLU A 78 -10.18 6.42 24.17
C GLU A 78 -10.13 5.43 25.34
N GLU A 79 -9.85 4.16 25.05
CA GLU A 79 -9.79 3.12 26.08
C GLU A 79 -8.69 3.35 27.12
N LEU A 80 -7.72 4.20 26.79
CA LEU A 80 -6.66 4.52 27.74
C LEU A 80 -7.13 5.69 28.58
N ARG A 81 -7.51 6.79 27.93
CA ARG A 81 -7.96 7.98 28.63
C ARG A 81 -9.01 7.68 29.70
N LYS A 82 -9.69 6.54 29.59
CA LYS A 82 -10.68 6.18 30.60
C LYS A 82 -10.03 5.29 31.68
N LYS A 83 -9.25 4.28 31.28
CA LYS A 83 -8.54 3.47 32.28
C LYS A 83 -7.42 4.36 32.84
N MET A 84 -7.58 5.65 32.58
CA MET A 84 -6.69 6.73 32.99
C MET A 84 -5.32 6.92 32.30
N GLY A 85 -5.02 8.21 32.10
CA GLY A 85 -3.82 8.73 31.45
C GLY A 85 -4.18 10.21 31.35
N ARG A 86 -5.49 10.45 31.52
CA ARG A 86 -6.13 11.77 31.50
C ARG A 86 -7.66 11.66 31.82
N GLU A 87 -8.33 12.79 32.09
CA GLU A 87 -9.77 12.80 32.43
C GLU A 87 -10.72 13.08 31.23
N ASN A 88 -10.17 13.74 30.20
CA ASN A 88 -10.88 14.10 28.98
C ASN A 88 -10.15 13.52 27.77
N SER A 89 -10.87 13.29 26.68
CA SER A 89 -10.29 12.74 25.46
C SER A 89 -9.83 13.89 24.65
N PRO A 90 -8.92 13.66 23.70
CA PRO A 90 -8.51 14.82 22.91
C PRO A 90 -9.49 14.84 21.76
N GLU A 91 -9.40 15.85 20.90
CA GLU A 91 -10.25 15.91 19.71
C GLU A 91 -9.39 15.21 18.66
N TYR A 92 -9.99 14.33 17.87
CA TYR A 92 -9.18 13.64 16.87
C TYR A 92 -9.23 14.38 15.56
N GLN A 93 -8.07 14.62 14.97
CA GLN A 93 -8.02 15.31 13.69
C GLN A 93 -7.36 14.44 12.66
N ILE A 94 -8.20 13.87 11.81
CA ILE A 94 -7.78 12.94 10.78
C ILE A 94 -7.47 13.47 9.39
N PHE A 95 -6.42 12.91 8.82
CA PHE A 95 -5.98 13.28 7.49
C PHE A 95 -5.85 12.08 6.59
N LEU A 96 -6.77 11.95 5.62
CA LEU A 96 -6.78 10.85 4.66
C LEU A 96 -6.09 11.35 3.40
N ASN A 97 -4.93 10.77 3.10
CA ASN A 97 -4.14 11.15 1.96
C ASN A 97 -4.00 10.17 0.83
N ASP A 98 -4.09 10.72 -0.37
CA ASP A 98 -3.90 9.88 -1.49
C ASP A 98 -3.63 10.75 -2.66
N LEU A 99 -3.31 10.12 -3.81
CA LEU A 99 -3.01 10.90 -4.99
C LEU A 99 -4.28 11.55 -5.46
N PRO A 100 -4.15 12.66 -6.21
CA PRO A 100 -5.37 13.34 -6.70
C PRO A 100 -6.05 12.31 -7.57
N GLY A 101 -7.35 12.32 -7.65
CA GLY A 101 -7.90 11.28 -8.51
C GLY A 101 -8.02 9.90 -7.88
N ASN A 102 -8.16 9.87 -6.57
CA ASN A 102 -8.42 8.65 -5.84
C ASN A 102 -9.93 8.90 -5.64
N ASP A 103 -10.66 8.03 -4.96
CA ASP A 103 -12.08 8.32 -4.81
C ASP A 103 -12.41 8.97 -3.47
N PHE A 104 -12.10 10.27 -3.37
CA PHE A 104 -12.37 10.98 -2.13
C PHE A 104 -13.86 11.18 -1.94
N ASN A 105 -14.58 11.36 -3.04
CA ASN A 105 -16.03 11.54 -3.00
C ASN A 105 -16.66 10.33 -2.38
N ALA A 106 -16.19 9.16 -2.78
CA ALA A 106 -16.74 7.91 -2.28
C ALA A 106 -16.59 7.80 -0.78
N ILE A 107 -15.43 8.19 -0.26
CA ILE A 107 -15.25 8.17 1.19
C ILE A 107 -16.11 9.25 1.86
N PHE A 108 -15.95 10.51 1.45
CA PHE A 108 -16.71 11.58 2.03
C PHE A 108 -18.19 11.25 2.06
N ARG A 109 -18.63 10.46 1.07
CA ARG A 109 -20.02 10.09 1.00
C ARG A 109 -20.35 8.77 1.72
N SER A 110 -20.42 7.69 0.96
CA SER A 110 -20.76 6.39 1.53
C SER A 110 -19.99 6.03 2.80
N LEU A 111 -19.01 6.84 3.21
CA LEU A 111 -18.33 6.49 4.44
C LEU A 111 -18.67 7.45 5.61
N PRO A 112 -18.01 8.64 5.72
CA PRO A 112 -18.44 9.45 6.86
C PRO A 112 -19.94 9.61 7.00
N ILE A 113 -20.72 8.95 6.15
CA ILE A 113 -22.19 9.00 6.24
C ILE A 113 -22.46 8.88 7.75
N GLU A 114 -21.44 8.38 8.43
CA GLU A 114 -21.41 8.25 9.87
C GLU A 114 -21.18 9.71 10.27
N ASN A 115 -22.20 10.56 10.08
CA ASN A 115 -22.19 12.00 10.38
C ASN A 115 -20.87 12.57 10.89
N ASP A 116 -20.63 12.44 12.20
CA ASP A 116 -19.40 12.88 12.85
C ASP A 116 -18.64 11.62 13.24
N VAL A 117 -18.19 11.53 14.49
CA VAL A 117 -17.49 10.34 14.98
C VAL A 117 -17.25 10.45 16.51
N ASP A 118 -17.07 9.30 17.17
CA ASP A 118 -16.87 9.24 18.64
C ASP A 118 -15.58 9.87 19.18
N GLY A 119 -15.78 10.90 20.00
CA GLY A 119 -14.67 11.66 20.57
C GLY A 119 -14.55 12.88 19.68
N VAL A 120 -15.46 12.94 18.70
CA VAL A 120 -15.53 13.98 17.69
C VAL A 120 -14.28 13.83 16.81
N CYS A 121 -14.50 13.42 15.56
CA CYS A 121 -13.40 13.24 14.64
C CYS A 121 -13.55 14.07 13.39
N PHE A 122 -12.76 15.11 13.34
CA PHE A 122 -12.80 15.97 12.19
C PHE A 122 -11.99 15.33 11.04
N ILE A 123 -12.69 14.82 10.02
CA ILE A 123 -11.99 14.20 8.90
C ILE A 123 -11.64 15.16 7.79
N ASN A 124 -10.43 14.99 7.27
CA ASN A 124 -9.91 15.83 6.21
C ASN A 124 -9.21 14.98 5.16
N GLY A 125 -9.56 15.20 3.89
CA GLY A 125 -8.91 14.51 2.78
C GLY A 125 -7.76 15.40 2.26
N VAL A 126 -6.56 14.87 2.14
CA VAL A 126 -5.38 15.64 1.69
C VAL A 126 -4.86 15.11 0.36
N PRO A 127 -5.28 15.67 -0.77
CA PRO A 127 -4.75 15.08 -2.01
C PRO A 127 -3.28 15.43 -2.37
N GLY A 128 -2.48 14.43 -2.72
CA GLY A 128 -1.10 14.70 -3.07
C GLY A 128 -0.18 13.52 -2.86
N SER A 129 1.06 13.65 -3.31
CA SER A 129 2.01 12.57 -3.16
C SER A 129 2.73 12.69 -1.84
N PHE A 130 2.95 11.55 -1.19
CA PHE A 130 3.63 11.57 0.09
C PHE A 130 5.12 11.54 -0.16
N TYR A 131 5.48 11.82 -1.41
CA TYR A 131 6.89 11.88 -1.74
C TYR A 131 7.04 13.38 -1.93
N GLY A 132 6.72 14.08 -0.84
CA GLY A 132 6.79 15.52 -0.80
C GLY A 132 6.07 15.96 0.47
N ARG A 133 5.91 17.25 0.68
CA ARG A 133 5.25 17.65 1.90
C ARG A 133 3.76 17.83 1.77
N LEU A 134 3.02 17.26 2.72
CA LEU A 134 1.58 17.31 2.69
C LEU A 134 1.00 18.16 3.81
N PHE A 135 1.74 18.28 4.93
CA PHE A 135 1.27 19.06 6.08
C PHE A 135 2.35 19.99 6.56
N PRO A 136 1.95 21.08 7.25
CA PRO A 136 2.87 22.06 7.80
C PRO A 136 3.86 21.42 8.77
N ARG A 137 4.87 22.16 9.21
CA ARG A 137 5.88 21.59 10.11
C ARG A 137 5.29 21.27 11.47
N ASN A 138 5.80 20.21 12.11
CA ASN A 138 5.31 19.79 13.42
C ASN A 138 3.79 20.00 13.57
N THR A 139 3.05 19.19 12.81
CA THR A 139 1.59 19.22 12.75
C THR A 139 1.05 17.87 13.19
N LEU A 140 1.84 16.83 12.99
CA LEU A 140 1.39 15.49 13.26
C LEU A 140 1.93 14.61 14.37
N HIS A 141 1.02 13.98 15.13
CA HIS A 141 1.35 12.99 16.16
C HIS A 141 0.72 11.74 15.57
N PHE A 142 1.48 10.86 14.97
CA PHE A 142 0.95 9.61 14.39
C PHE A 142 0.56 9.56 12.93
N ILE A 143 1.30 8.73 12.22
CA ILE A 143 1.13 8.49 10.80
C ILE A 143 0.96 7.00 10.48
N HIS A 144 -0.22 6.59 10.02
CA HIS A 144 -0.39 5.20 9.67
C HIS A 144 -0.15 4.96 8.16
N SER A 145 0.17 3.74 7.73
CA SER A 145 0.33 3.49 6.29
C SER A 145 0.54 2.09 5.79
N SER A 146 -0.52 1.41 5.40
CA SER A 146 -0.37 0.07 4.83
C SER A 146 -0.30 0.07 3.29
N TYR A 147 0.19 -1.04 2.75
CA TYR A 147 0.34 -1.30 1.32
C TYR A 147 0.33 -0.14 0.33
N SER A 148 1.02 0.94 0.66
CA SER A 148 1.07 2.05 -0.25
C SER A 148 2.50 2.50 -0.48
N LEU A 149 3.34 2.33 0.52
CA LEU A 149 4.71 2.76 0.37
C LEU A 149 5.66 2.02 -0.60
N MET A 150 5.19 0.95 -1.23
CA MET A 150 6.02 0.25 -2.19
C MET A 150 5.82 0.90 -3.54
N TRP A 151 4.78 1.70 -3.67
CA TRP A 151 4.55 2.37 -4.93
C TRP A 151 5.60 3.42 -5.10
N LEU A 152 6.10 3.50 -6.32
CA LEU A 152 7.15 4.46 -6.58
C LEU A 152 6.72 5.85 -7.07
N SER A 153 7.66 6.77 -6.98
CA SER A 153 7.45 8.13 -7.45
C SER A 153 7.21 8.05 -8.95
N GLN A 154 7.97 7.19 -9.63
CA GLN A 154 7.85 7.05 -11.08
C GLN A 154 8.34 5.66 -11.50
N VAL A 155 8.37 5.39 -12.80
CA VAL A 155 8.91 4.11 -13.23
C VAL A 155 10.40 4.31 -13.23
N PRO A 156 11.18 3.25 -12.98
CA PRO A 156 12.63 3.49 -13.01
C PRO A 156 13.05 3.74 -14.44
N ILE A 157 14.02 4.64 -14.64
CA ILE A 157 14.47 4.99 -15.98
C ILE A 157 15.03 3.90 -16.90
N GLY A 158 16.33 3.63 -16.82
CA GLY A 158 16.91 2.63 -17.71
C GLY A 158 16.16 1.31 -17.70
N ILE A 159 15.54 0.97 -18.82
CA ILE A 159 14.81 -0.29 -18.90
C ILE A 159 14.76 -0.99 -20.26
N GLU A 160 15.41 -2.15 -20.25
CA GLU A 160 15.53 -3.04 -21.37
C GLU A 160 14.75 -4.29 -20.98
N SER A 161 13.86 -4.12 -20.00
CA SER A 161 13.03 -5.23 -19.51
C SER A 161 12.14 -5.61 -20.68
N ASN A 162 12.54 -6.62 -21.43
CA ASN A 162 11.78 -7.02 -22.59
C ASN A 162 10.68 -7.99 -22.34
N LYS A 163 11.05 -9.21 -21.98
CA LYS A 163 10.06 -10.27 -21.75
C LYS A 163 9.11 -9.99 -20.59
N GLY A 164 9.58 -10.23 -19.36
CA GLY A 164 8.77 -9.95 -18.20
C GLY A 164 8.92 -8.48 -17.94
N ASN A 165 8.71 -7.68 -18.97
CA ASN A 165 8.85 -6.23 -18.85
C ASN A 165 8.13 -5.77 -17.61
N ILE A 166 6.89 -6.23 -17.48
CA ILE A 166 6.08 -5.83 -16.37
C ILE A 166 6.87 -5.45 -15.09
N TYR A 167 7.77 -6.29 -14.62
CA TYR A 167 8.39 -5.92 -13.34
C TYR A 167 9.81 -6.37 -13.06
N MET A 168 10.24 -6.04 -11.86
CA MET A 168 11.54 -6.41 -11.33
C MET A 168 11.51 -7.91 -11.30
N ALA A 169 10.37 -8.48 -11.70
CA ALA A 169 10.21 -9.91 -11.74
C ALA A 169 11.53 -10.66 -12.06
N ASN A 170 11.69 -11.81 -11.42
CA ASN A 170 12.86 -12.69 -11.54
C ASN A 170 13.15 -13.14 -12.96
N THR A 171 14.22 -13.93 -13.13
CA THR A 171 14.62 -14.51 -14.42
C THR A 171 14.42 -13.68 -15.69
N CYS A 172 15.54 -13.27 -16.28
CA CYS A 172 15.54 -12.49 -17.52
C CYS A 172 15.60 -10.98 -17.32
N PRO A 173 15.86 -10.50 -16.10
CA PRO A 173 15.87 -9.03 -16.10
C PRO A 173 17.23 -8.42 -16.40
N GLN A 174 18.27 -9.00 -15.81
CA GLN A 174 19.61 -8.46 -15.97
C GLN A 174 19.68 -7.37 -14.91
N SER A 175 20.62 -7.50 -13.97
CA SER A 175 20.75 -6.53 -12.91
C SER A 175 20.63 -5.07 -13.35
N VAL A 176 20.89 -4.79 -14.62
CA VAL A 176 20.78 -3.42 -15.14
C VAL A 176 19.39 -2.90 -14.77
N LEU A 177 18.41 -3.79 -14.89
CA LEU A 177 17.01 -3.52 -14.56
C LEU A 177 16.88 -2.97 -13.15
N ASN A 178 17.46 -3.68 -12.18
CA ASN A 178 17.43 -3.28 -10.78
C ASN A 178 18.09 -1.93 -10.51
N ALA A 179 17.46 -0.96 -11.16
CA ALA A 179 17.73 0.48 -11.15
C ALA A 179 16.44 0.91 -10.46
N TYR A 180 15.69 -0.14 -10.11
CA TYR A 180 14.43 -0.08 -9.39
C TYR A 180 14.91 0.19 -7.99
N TYR A 181 15.88 -0.59 -7.55
CA TYR A 181 16.39 -0.36 -6.22
C TYR A 181 16.92 1.06 -6.11
N LYS A 182 17.69 1.49 -7.11
CA LYS A 182 18.27 2.84 -7.13
C LYS A 182 17.14 3.87 -7.02
N GLN A 183 15.95 3.46 -7.47
CA GLN A 183 14.76 4.31 -7.46
C GLN A 183 14.16 4.38 -6.08
N PHE A 184 13.96 3.19 -5.49
CA PHE A 184 13.37 3.06 -4.16
C PHE A 184 14.09 3.89 -3.13
N GLN A 185 15.39 4.04 -3.32
CA GLN A 185 16.21 4.77 -2.38
C GLN A 185 15.92 6.25 -2.35
N GLU A 186 15.87 6.85 -3.54
CA GLU A 186 15.62 8.29 -3.62
C GLU A 186 14.20 8.62 -3.29
N ASP A 187 13.30 7.67 -3.55
CA ASP A 187 11.90 7.85 -3.23
C ASP A 187 11.68 7.70 -1.74
N HIS A 188 12.08 6.56 -1.22
CA HIS A 188 11.87 6.34 0.19
C HIS A 188 12.60 7.33 1.10
N ALA A 189 13.77 7.79 0.71
CA ALA A 189 14.49 8.74 1.55
C ALA A 189 13.82 10.10 1.51
N LEU A 190 13.18 10.43 0.39
CA LEU A 190 12.50 11.72 0.21
C LEU A 190 11.18 11.68 0.92
N PHE A 191 10.72 10.46 1.20
CA PHE A 191 9.49 10.29 1.93
C PHE A 191 9.84 10.62 3.37
N LEU A 192 10.88 9.96 3.89
CA LEU A 192 11.37 10.16 5.25
C LEU A 192 11.72 11.61 5.64
N ARG A 193 12.39 12.33 4.75
CA ARG A 193 12.75 13.71 5.07
C ARG A 193 11.49 14.51 5.35
N CYS A 194 10.54 14.38 4.44
CA CYS A 194 9.29 15.10 4.52
C CYS A 194 8.56 14.73 5.78
N ARG A 195 8.40 13.43 5.99
CA ARG A 195 7.70 12.97 7.16
C ARG A 195 8.40 13.51 8.40
N ALA A 196 9.73 13.55 8.36
CA ALA A 196 10.52 14.06 9.47
C ALA A 196 10.21 15.50 9.83
N GLN A 197 9.80 16.30 8.88
CA GLN A 197 9.53 17.69 9.16
C GLN A 197 8.15 17.96 9.72
N GLU A 198 7.23 17.05 9.42
CA GLU A 198 5.85 17.24 9.85
C GLU A 198 5.47 16.46 11.08
N VAL A 199 6.22 15.40 11.36
CA VAL A 199 5.95 14.58 12.52
C VAL A 199 6.62 15.22 13.71
N VAL A 200 5.82 15.46 14.70
CA VAL A 200 6.24 16.09 15.94
C VAL A 200 7.26 15.17 16.64
N PRO A 201 8.29 15.74 17.30
CA PRO A 201 9.34 14.98 18.00
C PRO A 201 8.94 13.73 18.82
N GLY A 202 7.75 13.71 19.41
CA GLY A 202 7.37 12.50 20.12
C GLY A 202 6.65 11.51 19.17
N GLY A 203 6.08 12.05 18.09
CA GLY A 203 5.30 11.31 17.09
C GLY A 203 5.70 9.94 16.62
N ARG A 204 4.71 9.12 16.24
CA ARG A 204 4.99 7.74 15.76
C ARG A 204 4.50 7.50 14.33
N MET A 205 5.12 6.54 13.63
CA MET A 205 4.76 6.20 12.26
C MET A 205 4.79 4.71 12.13
N VAL A 206 3.67 4.07 11.77
CA VAL A 206 3.65 2.64 11.58
C VAL A 206 3.40 2.33 10.10
N LEU A 207 4.49 2.08 9.37
CA LEU A 207 4.46 1.82 7.95
C LEU A 207 4.50 0.32 7.64
N THR A 208 3.61 -0.14 6.76
CA THR A 208 3.53 -1.56 6.37
C THR A 208 3.71 -1.62 4.84
N ILE A 209 4.92 -1.92 4.38
CA ILE A 209 5.19 -2.00 2.95
C ILE A 209 5.19 -3.44 2.52
N LEU A 210 4.59 -3.73 1.39
CA LEU A 210 4.63 -5.10 0.90
C LEU A 210 6.02 -5.30 0.26
N GLY A 211 6.80 -6.18 0.87
CA GLY A 211 8.15 -6.47 0.39
C GLY A 211 8.52 -7.94 0.32
N ARG A 212 9.69 -8.28 0.91
CA ARG A 212 10.16 -9.67 0.91
C ARG A 212 11.20 -9.99 1.99
N ARG A 213 11.62 -11.26 2.00
CA ARG A 213 12.63 -11.79 2.91
C ARG A 213 13.95 -12.04 2.17
N SER A 214 13.82 -12.89 1.14
CA SER A 214 14.88 -13.36 0.25
C SER A 214 16.06 -12.44 -0.09
N GLU A 215 16.05 -11.19 0.36
CA GLU A 215 17.16 -10.24 0.09
C GLU A 215 17.62 -10.32 -1.36
N ASP A 216 16.90 -11.11 -2.14
CA ASP A 216 17.19 -11.37 -3.54
C ASP A 216 16.06 -10.71 -4.36
N ARG A 217 16.31 -9.48 -4.78
CA ARG A 217 15.38 -8.67 -5.59
C ARG A 217 14.48 -9.42 -6.55
N ALA A 218 14.69 -10.72 -6.71
CA ALA A 218 13.86 -11.46 -7.63
C ALA A 218 13.51 -12.85 -7.11
N SER A 219 12.32 -12.97 -6.53
CA SER A 219 11.86 -14.24 -6.01
C SER A 219 10.36 -14.29 -6.10
N THR A 220 9.80 -15.49 -6.02
CA THR A 220 8.36 -15.61 -6.08
C THR A 220 7.79 -14.86 -4.85
N GLU A 221 8.68 -14.48 -3.92
CA GLU A 221 8.23 -13.77 -2.73
C GLU A 221 7.57 -12.45 -3.13
N CYS A 222 8.11 -11.82 -4.18
CA CYS A 222 7.58 -10.55 -4.66
C CYS A 222 7.29 -10.43 -6.16
N CYS A 223 8.13 -11.04 -6.98
CA CYS A 223 7.98 -10.94 -8.43
C CYS A 223 6.88 -11.72 -9.15
N LEU A 224 6.31 -12.72 -8.48
CA LEU A 224 5.23 -13.51 -9.08
C LEU A 224 3.98 -12.73 -8.74
N ILE A 225 3.05 -12.69 -9.67
CA ILE A 225 1.78 -11.93 -9.54
C ILE A 225 1.79 -10.97 -10.72
N TRP A 226 2.96 -10.36 -10.94
CA TRP A 226 3.17 -9.45 -12.05
C TRP A 226 3.66 -10.34 -13.17
N GLN A 227 4.65 -11.17 -12.84
CA GLN A 227 5.18 -12.16 -13.77
C GLN A 227 3.97 -12.85 -14.37
N LEU A 228 3.07 -13.32 -13.52
CA LEU A 228 1.86 -13.96 -14.00
C LEU A 228 1.05 -13.03 -14.93
N LEU A 229 1.06 -11.73 -14.66
CA LEU A 229 0.30 -10.81 -15.52
C LEU A 229 1.05 -10.67 -16.83
N ALA A 230 2.36 -10.43 -16.71
CA ALA A 230 3.27 -10.33 -17.85
C ALA A 230 3.04 -11.56 -18.73
N MET A 231 3.09 -12.73 -18.11
CA MET A 231 2.89 -13.99 -18.80
C MET A 231 1.57 -13.97 -19.55
N ALA A 232 0.56 -13.37 -18.93
CA ALA A 232 -0.76 -13.30 -19.55
C ALA A 232 -0.69 -12.41 -20.77
N LEU A 233 0.02 -11.31 -20.61
CA LEU A 233 0.16 -10.36 -21.71
C LEU A 233 0.99 -10.90 -22.88
N ASN A 234 2.18 -11.43 -22.60
CA ASN A 234 3.09 -11.96 -23.63
C ASN A 234 2.45 -12.99 -24.56
N GLN A 235 1.40 -13.62 -24.07
CA GLN A 235 0.68 -14.63 -24.85
C GLN A 235 -0.27 -13.92 -25.80
N MET A 236 -0.74 -12.74 -25.38
CA MET A 236 -1.65 -11.93 -26.15
C MET A 236 -0.86 -11.11 -27.17
N VAL A 237 0.37 -10.76 -26.83
CA VAL A 237 1.19 -10.03 -27.77
C VAL A 237 1.44 -11.01 -28.89
N SER A 238 1.72 -12.25 -28.50
CA SER A 238 1.96 -13.29 -29.48
C SER A 238 0.70 -13.58 -30.29
N GLU A 239 -0.39 -13.90 -29.61
CA GLU A 239 -1.65 -14.19 -30.29
C GLU A 239 -2.09 -13.09 -31.25
N GLY A 240 -1.26 -12.04 -31.39
CA GLY A 240 -1.57 -10.93 -32.29
C GLY A 240 -2.19 -9.65 -31.73
N LEU A 241 -2.85 -9.78 -30.58
CA LEU A 241 -3.57 -8.72 -29.86
C LEU A 241 -2.92 -7.35 -29.63
N ILE A 242 -3.77 -6.32 -29.71
CA ILE A 242 -3.39 -4.89 -29.62
C ILE A 242 -2.22 -4.41 -28.72
N GLU A 243 -1.15 -5.19 -28.72
CA GLU A 243 0.10 -4.91 -28.02
C GLU A 243 1.04 -5.37 -29.08
N GLU A 244 1.84 -4.46 -29.60
CA GLU A 244 2.72 -4.85 -30.67
C GLU A 244 3.90 -5.67 -30.15
N GLU A 245 4.46 -5.21 -29.06
CA GLU A 245 5.65 -5.85 -28.52
C GLU A 245 6.36 -4.52 -28.27
N LYS A 246 5.87 -3.51 -28.98
CA LYS A 246 6.37 -2.14 -28.90
C LYS A 246 5.66 -1.53 -27.70
N MET A 247 4.38 -1.89 -27.52
CA MET A 247 3.58 -1.41 -26.40
C MET A 247 3.96 -2.11 -25.12
N ASP A 248 3.84 -3.45 -25.08
CA ASP A 248 4.19 -4.22 -23.88
C ASP A 248 5.62 -3.89 -23.50
N LYS A 249 6.49 -3.68 -24.46
CA LYS A 249 7.87 -3.36 -24.09
C LYS A 249 8.05 -1.99 -23.43
N PHE A 250 6.95 -1.34 -23.10
CA PHE A 250 7.00 -0.05 -22.39
C PHE A 250 6.24 -0.09 -21.06
N ASN A 251 5.28 -1.00 -20.89
CA ASN A 251 4.56 -1.09 -19.62
C ASN A 251 5.52 -1.62 -18.54
N ILE A 252 5.46 -1.07 -17.32
CA ILE A 252 6.28 -1.55 -16.18
C ILE A 252 5.82 -1.10 -14.77
N PRO A 253 5.23 -2.01 -13.93
CA PRO A 253 4.84 -1.52 -12.60
C PRO A 253 6.01 -0.80 -11.98
N GLN A 254 5.71 0.28 -11.27
CA GLN A 254 6.74 1.08 -10.63
C GLN A 254 6.62 1.10 -9.13
N TYR A 255 7.07 0.01 -8.53
CA TYR A 255 7.05 -0.10 -7.11
C TYR A 255 8.14 -1.15 -6.86
N THR A 256 8.64 -1.23 -5.61
CA THR A 256 9.70 -2.17 -5.19
C THR A 256 9.46 -2.68 -3.74
N PRO A 257 9.64 -4.01 -3.49
CA PRO A 257 9.51 -4.74 -2.22
C PRO A 257 10.63 -4.44 -1.21
N SER A 258 11.42 -5.45 -0.82
CA SER A 258 12.56 -5.34 0.15
C SER A 258 12.26 -5.36 1.66
N PRO A 259 13.24 -5.72 2.55
CA PRO A 259 13.08 -5.79 4.02
C PRO A 259 14.09 -5.09 4.95
N THR A 260 15.35 -5.42 4.80
CA THR A 260 16.40 -4.81 5.61
C THR A 260 16.86 -3.55 4.87
N GLU A 261 16.48 -3.50 3.60
CA GLU A 261 16.80 -2.39 2.72
C GLU A 261 16.06 -1.18 3.27
N VAL A 262 14.99 -1.46 4.04
CA VAL A 262 14.17 -0.44 4.67
C VAL A 262 14.92 0.20 5.84
N GLU A 263 15.28 -0.59 6.84
CA GLU A 263 16.04 -0.06 7.97
C GLU A 263 17.30 0.65 7.43
N ALA A 264 17.85 0.05 6.36
CA ALA A 264 19.02 0.60 5.71
C ALA A 264 18.78 2.06 5.30
N GLU A 265 17.54 2.34 4.91
CA GLU A 265 17.12 3.66 4.48
C GLU A 265 16.72 4.57 5.64
N ILE A 266 16.07 3.98 6.63
CA ILE A 266 15.59 4.74 7.78
C ILE A 266 16.69 5.33 8.64
N LEU A 267 17.83 4.64 8.75
CA LEU A 267 18.87 5.20 9.57
C LEU A 267 19.77 6.14 8.75
N LYS A 268 19.92 5.85 7.45
CA LYS A 268 20.71 6.72 6.56
C LYS A 268 20.15 8.14 6.79
N GLU A 269 18.83 8.26 6.78
CA GLU A 269 18.19 9.52 7.06
C GLU A 269 18.20 9.42 8.59
N GLY A 270 18.89 10.33 9.28
CA GLY A 270 18.96 10.25 10.74
C GLY A 270 17.79 10.92 11.41
N SER A 271 16.58 10.54 11.02
CA SER A 271 15.37 11.14 11.54
C SER A 271 14.49 10.31 12.47
N PHE A 272 14.33 9.03 12.14
CA PHE A 272 13.47 8.17 12.94
C PHE A 272 14.22 7.09 13.68
N LEU A 273 13.63 6.68 14.81
CA LEU A 273 14.21 5.69 15.71
C LEU A 273 14.22 4.22 15.32
N ILE A 274 13.04 3.62 15.20
CA ILE A 274 12.85 2.20 14.82
C ILE A 274 12.33 1.40 16.03
N ASP A 275 11.72 0.24 15.78
CA ASP A 275 11.10 -0.55 16.84
C ASP A 275 10.42 -1.80 16.16
N HIS A 276 10.18 -2.84 16.94
CA HIS A 276 9.58 -4.11 16.51
C HIS A 276 9.62 -4.49 15.02
N ILE A 277 10.30 -3.66 14.21
CA ILE A 277 10.42 -3.86 12.76
C ILE A 277 10.64 -5.29 12.36
N GLU A 278 9.64 -5.85 11.68
CA GLU A 278 9.72 -7.23 11.25
C GLU A 278 9.22 -7.42 9.84
N ALA A 279 9.00 -8.66 9.47
CA ALA A 279 8.51 -8.97 8.14
C ALA A 279 7.60 -10.17 8.28
N SER A 280 6.30 -9.92 8.32
CA SER A 280 5.32 -11.00 8.44
C SER A 280 4.96 -11.42 7.02
N GLU A 281 4.16 -12.47 6.90
CA GLU A 281 3.77 -12.99 5.60
C GLU A 281 2.30 -13.40 5.61
N ILE A 282 1.65 -13.32 4.45
CA ILE A 282 0.23 -13.65 4.31
C ILE A 282 -0.06 -14.35 3.00
N TYR A 283 -1.00 -15.29 3.02
CA TYR A 283 -1.39 -16.09 1.86
C TYR A 283 -2.43 -15.43 1.02
N TRP A 284 -2.43 -15.74 -0.27
CA TRP A 284 -3.42 -15.16 -1.15
C TRP A 284 -4.76 -15.80 -0.83
N SER A 285 -5.11 -15.80 0.45
CA SER A 285 -6.41 -16.29 0.90
C SER A 285 -7.36 -15.40 0.08
N SER A 286 -7.11 -14.07 0.16
CA SER A 286 -7.83 -12.99 -0.56
C SER A 286 -9.34 -12.98 -0.38
N CYS A 287 -9.81 -13.76 0.60
CA CYS A 287 -11.23 -13.88 0.90
C CYS A 287 -11.57 -13.61 2.37
N THR A 288 -12.58 -14.37 2.79
CA THR A 288 -13.10 -14.34 4.12
C THR A 288 -13.92 -15.64 4.21
N LYS A 289 -14.81 -15.76 5.19
CA LYS A 289 -15.63 -16.96 5.27
C LYS A 289 -16.68 -16.80 4.17
N ASP A 290 -16.20 -16.73 2.94
CA ASP A 290 -17.03 -16.54 1.74
C ASP A 290 -17.90 -17.72 1.35
N GLY A 291 -19.13 -17.41 0.91
CA GLY A 291 -20.08 -18.43 0.50
C GLY A 291 -19.58 -19.26 -0.67
N ASP A 292 -19.29 -20.53 -0.38
CA ASP A 292 -18.79 -21.54 -1.32
C ASP A 292 -17.39 -22.03 -0.90
N GLY A 293 -16.71 -21.26 -0.03
CA GLY A 293 -15.38 -21.60 0.47
C GLY A 293 -14.63 -22.50 -0.50
N GLY A 294 -14.71 -22.13 -1.78
CA GLY A 294 -14.11 -22.88 -2.89
C GLY A 294 -12.71 -23.43 -2.77
N GLY A 295 -12.10 -23.66 -3.92
CA GLY A 295 -10.76 -24.20 -3.91
C GLY A 295 -9.76 -23.27 -4.54
N SER A 296 -9.81 -23.21 -5.87
CA SER A 296 -8.89 -22.37 -6.61
C SER A 296 -9.65 -21.64 -7.69
N VAL A 297 -10.69 -22.29 -8.19
CA VAL A 297 -11.54 -21.69 -9.21
C VAL A 297 -12.17 -20.47 -8.49
N GLU A 298 -11.84 -20.33 -7.19
CA GLU A 298 -12.35 -19.25 -6.34
C GLU A 298 -11.27 -18.54 -5.52
N GLU A 299 -10.68 -19.25 -4.57
CA GLU A 299 -9.66 -18.72 -3.64
C GLU A 299 -8.66 -17.77 -4.24
N GLU A 300 -8.20 -18.09 -5.44
CA GLU A 300 -7.24 -17.25 -6.15
C GLU A 300 -7.94 -16.89 -7.46
N GLY A 301 -8.60 -17.91 -8.00
CA GLY A 301 -9.34 -17.70 -9.21
C GLY A 301 -10.37 -16.67 -8.89
N TYR A 302 -10.22 -15.51 -9.51
CA TYR A 302 -11.16 -14.46 -9.29
C TYR A 302 -10.72 -13.63 -8.08
N ASN A 303 -10.93 -14.13 -6.87
CA ASN A 303 -10.57 -13.33 -5.72
C ASN A 303 -9.16 -12.73 -5.69
N VAL A 304 -8.16 -13.41 -6.23
CA VAL A 304 -6.83 -12.83 -6.20
C VAL A 304 -6.68 -12.00 -7.47
N ALA A 305 -7.51 -12.26 -8.46
CA ALA A 305 -7.47 -11.49 -9.71
C ALA A 305 -8.25 -10.16 -9.57
N ARG A 306 -9.50 -10.23 -9.11
CA ARG A 306 -10.33 -9.02 -8.92
C ARG A 306 -9.59 -8.00 -8.05
N CYS A 307 -8.76 -8.51 -7.15
CA CYS A 307 -7.96 -7.67 -6.28
C CYS A 307 -6.86 -7.03 -7.14
N MET A 308 -6.13 -7.85 -7.87
CA MET A 308 -5.06 -7.36 -8.73
C MET A 308 -5.65 -6.59 -9.89
N ARG A 309 -6.96 -6.64 -10.04
CA ARG A 309 -7.64 -5.90 -11.11
C ARG A 309 -8.03 -4.52 -10.61
N ALA A 310 -8.59 -4.46 -9.40
CA ALA A 310 -8.95 -3.19 -8.80
C ALA A 310 -7.65 -2.43 -8.50
N VAL A 311 -6.55 -3.16 -8.45
CA VAL A 311 -5.26 -2.57 -8.13
C VAL A 311 -4.49 -2.07 -9.37
N ALA A 312 -4.67 -2.72 -10.51
CA ALA A 312 -3.92 -2.35 -11.71
C ALA A 312 -4.72 -2.04 -12.94
N GLU A 313 -6.01 -2.29 -12.92
CA GLU A 313 -6.81 -2.01 -14.11
C GLU A 313 -6.52 -0.62 -14.69
N PRO A 314 -6.29 0.40 -13.82
CA PRO A 314 -6.00 1.75 -14.32
C PRO A 314 -4.63 1.92 -14.99
N LEU A 315 -3.60 1.31 -14.42
CA LEU A 315 -2.26 1.39 -15.00
C LEU A 315 -2.31 0.80 -16.40
N LEU A 316 -3.02 -0.31 -16.53
CA LEU A 316 -3.16 -0.99 -17.81
C LEU A 316 -4.04 -0.23 -18.78
N LEU A 317 -5.30 -0.03 -18.36
CA LEU A 317 -6.28 0.68 -19.16
C LEU A 317 -5.68 1.96 -19.72
N ASP A 318 -4.75 2.55 -18.97
CA ASP A 318 -4.12 3.77 -19.44
C ASP A 318 -2.92 3.50 -20.34
N HIS A 319 -2.37 2.29 -20.33
CA HIS A 319 -1.23 2.03 -21.19
C HIS A 319 -1.61 1.19 -22.38
N PHE A 320 -2.77 0.53 -22.34
CA PHE A 320 -3.24 -0.32 -23.47
C PHE A 320 -4.69 -0.09 -23.93
N GLY A 321 -5.49 0.64 -23.16
CA GLY A 321 -6.88 0.91 -23.53
C GLY A 321 -7.87 -0.17 -23.13
N GLU A 322 -9.16 0.15 -23.10
CA GLU A 322 -10.19 -0.81 -22.70
C GLU A 322 -10.38 -2.08 -23.52
N ALA A 323 -10.11 -2.02 -24.82
CA ALA A 323 -10.29 -3.16 -25.73
C ALA A 323 -9.70 -4.46 -25.18
N ILE A 324 -8.52 -4.32 -24.57
CA ILE A 324 -7.79 -5.42 -23.93
C ILE A 324 -8.48 -5.82 -22.61
N ILE A 325 -8.11 -5.13 -21.54
CA ILE A 325 -8.66 -5.35 -20.22
C ILE A 325 -9.50 -6.61 -19.95
N GLU A 326 -10.73 -6.63 -20.43
CA GLU A 326 -11.60 -7.80 -20.25
C GLU A 326 -10.75 -9.09 -20.37
N ASP A 327 -10.16 -9.26 -21.55
CA ASP A 327 -9.33 -10.42 -21.89
C ASP A 327 -8.11 -10.67 -21.06
N VAL A 328 -7.34 -9.62 -20.75
CA VAL A 328 -6.15 -9.83 -19.95
C VAL A 328 -6.47 -10.30 -18.53
N PHE A 329 -7.66 -10.07 -18.03
CA PHE A 329 -7.88 -10.51 -16.68
C PHE A 329 -8.51 -11.87 -16.64
N HIS A 330 -9.12 -12.25 -17.76
CA HIS A 330 -9.72 -13.58 -17.89
C HIS A 330 -8.55 -14.57 -17.86
N ARG A 331 -7.49 -14.23 -18.60
CA ARG A 331 -6.29 -15.06 -18.72
C ARG A 331 -5.47 -15.02 -17.46
N TYR A 332 -5.18 -13.81 -17.01
CA TYR A 332 -4.42 -13.60 -15.81
C TYR A 332 -5.09 -14.45 -14.73
N LYS A 333 -6.43 -14.44 -14.69
CA LYS A 333 -7.19 -15.21 -13.69
C LYS A 333 -6.77 -16.68 -13.62
N LEU A 334 -6.85 -17.34 -14.78
CA LEU A 334 -6.48 -18.74 -15.00
C LEU A 334 -5.03 -19.03 -14.59
N LEU A 335 -4.12 -18.18 -15.02
CA LEU A 335 -2.74 -18.39 -14.69
C LEU A 335 -2.53 -18.47 -13.21
N ILE A 336 -3.16 -17.60 -12.42
CA ILE A 336 -2.95 -17.67 -10.97
C ILE A 336 -3.67 -18.89 -10.41
N ILE A 337 -4.89 -19.14 -10.89
CA ILE A 337 -5.58 -20.34 -10.41
C ILE A 337 -4.61 -21.53 -10.52
N GLU A 338 -4.14 -21.81 -11.74
CA GLU A 338 -3.20 -22.91 -11.92
C GLU A 338 -1.97 -22.67 -11.01
N ARG A 339 -1.28 -21.54 -11.17
CA ARG A 339 -0.11 -21.30 -10.34
C ARG A 339 -0.38 -21.43 -8.86
N MET A 340 -1.66 -21.46 -8.50
CA MET A 340 -2.01 -21.60 -7.11
C MET A 340 -1.68 -22.97 -6.61
N SER A 341 -1.84 -23.96 -7.49
CA SER A 341 -1.62 -25.37 -7.19
C SER A 341 -0.18 -25.86 -7.00
N LYS A 342 0.62 -25.83 -8.05
CA LYS A 342 2.01 -26.26 -7.92
C LYS A 342 2.71 -25.61 -6.70
N GLU A 343 2.14 -24.54 -6.16
CA GLU A 343 2.76 -23.86 -5.02
C GLU A 343 1.81 -23.11 -4.08
N LYS A 344 2.34 -22.64 -2.95
CA LYS A 344 1.52 -21.90 -1.96
C LYS A 344 1.81 -20.39 -1.95
N THR A 345 1.15 -19.69 -2.85
CA THR A 345 1.27 -18.25 -3.03
C THR A 345 1.08 -17.42 -1.76
N LYS A 346 1.94 -16.43 -1.59
CA LYS A 346 1.93 -15.57 -0.41
C LYS A 346 2.73 -14.26 -0.64
N PHE A 347 2.57 -13.28 0.25
CA PHE A 347 3.29 -12.00 0.16
C PHE A 347 4.05 -11.75 1.47
N ILE A 348 5.05 -10.89 1.44
CA ILE A 348 5.79 -10.56 2.65
C ILE A 348 5.49 -9.10 3.05
N ASN A 349 5.43 -8.82 4.33
CA ASN A 349 5.04 -7.48 4.79
C ASN A 349 6.03 -6.78 5.71
N VAL A 350 7.07 -6.20 5.15
CA VAL A 350 8.00 -5.47 5.98
C VAL A 350 7.16 -4.45 6.75
N ILE A 351 7.23 -4.52 8.08
CA ILE A 351 6.45 -3.63 8.92
C ILE A 351 7.45 -2.93 9.74
N VAL A 352 7.23 -1.64 9.97
CA VAL A 352 8.15 -0.87 10.77
C VAL A 352 7.41 0.09 11.66
N SER A 353 7.81 0.18 12.93
CA SER A 353 7.17 1.16 13.81
C SER A 353 8.33 2.12 14.03
N LEU A 354 8.08 3.42 14.15
CA LEU A 354 9.17 4.39 14.25
C LEU A 354 8.83 5.53 15.16
N ILE A 355 9.85 6.32 15.50
CA ILE A 355 9.66 7.49 16.36
C ILE A 355 10.50 8.65 15.85
N ARG A 356 9.88 9.80 15.65
CA ARG A 356 10.62 10.97 15.23
C ARG A 356 11.52 11.04 16.44
N LYS A 357 12.82 11.26 16.25
CA LYS A 357 13.70 11.31 17.42
C LYS A 357 14.06 12.74 17.67
N SER A 358 15.36 13.00 17.72
CA SER A 358 15.93 14.33 17.92
C SER A 358 15.16 15.23 18.88
N ASP A 359 15.30 16.53 18.65
CA ASP A 359 14.70 17.63 19.41
C ASP A 359 15.69 18.81 19.34
LU LU B . -6.41 -2.94 22.63
N SAH C . -4.11 1.67 2.69
CA SAH C . -5.18 0.73 2.12
CB SAH C . -5.06 0.50 0.59
CG SAH C . -4.00 1.24 -0.10
SD SAH C . -3.79 0.98 -1.89
C SAH C . -5.14 -0.69 2.69
O SAH C . -4.26 -1.00 3.55
OXT SAH C . -6.05 -1.48 2.21
C5' SAH C . -2.50 2.17 -2.08
C4' SAH C . -2.92 3.69 -2.35
O4' SAH C . -1.60 4.33 -2.41
C3' SAH C . -3.48 3.94 -3.81
O3' SAH C . -4.94 4.43 -3.76
C2' SAH C . -2.64 4.99 -4.37
O2' SAH C . -3.18 6.01 -5.14
C1' SAH C . -1.75 5.40 -3.10
N9 SAH C . -0.50 5.99 -3.51
C8 SAH C . 0.46 5.55 -4.39
N7 SAH C . 1.45 6.37 -4.55
C5 SAH C . 1.13 7.41 -3.71
C6 SAH C . 1.77 8.63 -3.40
N6 SAH C . 2.93 8.95 -3.98
N1 SAH C . 1.20 9.51 -2.50
C2 SAH C . 0.01 9.17 -1.91
N3 SAH C . -0.69 8.02 -2.14
C4 SAH C . -0.07 7.18 -3.07
C1' SAL D . -1.39 -2.92 -3.98
O1' SAL D . -2.32 -2.91 -3.16
O2' SAL D . -0.95 -1.72 -4.43
C1 SAL D . -0.81 -4.25 -4.42
C2 SAL D . 0.28 -4.39 -5.39
C3 SAL D . 0.73 -5.70 -5.72
C4 SAL D . 0.17 -6.89 -5.16
C5 SAL D . -0.88 -6.81 -4.23
C6 SAL D . -1.39 -5.42 -3.84
O2 SAL D . 0.93 -3.37 -6.02
#